data_9JKW
#
_entry.id   9JKW
#
_cell.length_a   53.534
_cell.length_b   54.114
_cell.length_c   141.513
_cell.angle_alpha   90.000
_cell.angle_beta   90.000
_cell.angle_gamma   90.000
#
_symmetry.space_group_name_H-M   'P 21 21 21'
#
loop_
_entity.id
_entity.type
_entity.pdbx_description
1 polymer 'Vitamin D3 dihydroxylase'
2 non-polymer 'PROTOPORPHYRIN IX CONTAINING FE'
3 non-polymer '(3R,5R)-3,5-dihydroxy-7-[(1S,2S,8S,8aR)-2-methyl-8-{[(2S)-2-methylbutanoyl]oxy}-1,2,6,7,8,8a-hexahydronaphthalen-1-yl]h eptanoic acid'
4 water water
#
_entity_poly.entity_id   1
_entity_poly.type   'polypeptide(L)'
_entity_poly.pdbx_seq_one_letter_code
;MTDTATTPQTTDAPAFPSNRSCPYQLPDGYAQLRDTPGPLHRVTLYDGRQAWVVTKHEAARKLLGDPRLSSNRTDDNFPA
TSPAFEAVRESPQAFIGLDPPEHGTRRRMTISEFTVKRIKGMRPEVEEVVHGFLDEMLAAGPTADLVSQFALPVPSMVIC
RLLGVPYADHEFFQDASKRLVQSTDAQSALTARNDLAGYLDGLITQFQTEPGAGLVGALVADQLANGEIDREELISTAML
LLIAGHETTASMTSLSVITLLDHPEQYAALRADRSLVPGAVEELLRYLAIADIAGGRVATADIEVEGQLIRAGEGVIVVN
SIANRDGTVYEDPDALDIHRSARHHLAFGFGVHQCLGQNLARLELEVILNALMDRVPTLRLAVPVEQLVLRPGTTIQGVN
ELPVTWHHHHHH
;
_entity_poly.pdbx_strand_id   A
#
# COMPACT_ATOMS: atom_id res chain seq x y z
N THR A 7 17.59 14.54 -33.50
CA THR A 7 17.16 15.75 -32.81
C THR A 7 17.26 15.49 -31.31
N PRO A 8 17.52 16.53 -30.42
CA PRO A 8 17.41 16.26 -28.99
C PRO A 8 16.18 15.45 -28.64
N GLN A 9 16.21 14.75 -27.51
CA GLN A 9 15.09 13.89 -27.15
C GLN A 9 14.25 14.43 -26.01
N THR A 10 14.71 15.49 -25.35
CA THR A 10 14.04 16.13 -24.23
C THR A 10 12.57 16.43 -24.54
N THR A 11 11.68 15.97 -23.67
CA THR A 11 10.26 16.27 -23.80
C THR A 11 9.77 16.95 -22.52
N ASP A 12 8.60 17.59 -22.62
CA ASP A 12 8.02 18.30 -21.48
C ASP A 12 7.00 17.48 -20.72
N ALA A 13 6.82 16.21 -21.08
CA ALA A 13 5.98 15.28 -20.32
C ALA A 13 6.70 13.94 -20.27
N PRO A 14 7.63 13.78 -19.33
CA PRO A 14 8.41 12.53 -19.25
C PRO A 14 7.51 11.31 -19.07
N ALA A 15 8.10 10.15 -19.31
CA ALA A 15 7.37 8.90 -19.11
C ALA A 15 7.15 8.65 -17.63
N PHE A 16 6.03 7.98 -17.32
CA PHE A 16 5.63 7.75 -15.96
C PHE A 16 4.95 6.39 -15.89
N PRO A 17 5.28 5.54 -14.90
CA PRO A 17 6.22 5.77 -13.79
C PRO A 17 7.68 5.39 -14.05
N SER A 18 8.56 5.80 -13.13
CA SER A 18 9.93 5.34 -13.07
C SER A 18 10.07 4.26 -11.99
N ASN A 19 11.09 3.43 -12.14
CA ASN A 19 11.38 2.37 -11.19
C ASN A 19 12.48 2.81 -10.24
N ARG A 20 12.36 2.40 -8.98
CA ARG A 20 13.39 2.71 -8.00
C ARG A 20 14.65 1.88 -8.30
N SER A 21 15.76 2.31 -7.71
CA SER A 21 17.05 1.64 -7.91
CA SER A 21 17.06 1.67 -7.91
C SER A 21 17.85 1.49 -6.63
N CYS A 22 17.58 2.28 -5.62
CA CYS A 22 17.88 2.04 -4.23
C CYS A 22 16.52 2.00 -3.55
N PRO A 23 16.20 0.96 -2.80
CA PRO A 23 14.83 0.81 -2.29
C PRO A 23 14.26 2.01 -1.56
N TYR A 24 15.12 2.90 -1.04
CA TYR A 24 14.64 4.00 -0.21
C TYR A 24 14.98 5.36 -0.80
N GLN A 25 15.30 5.42 -2.09
CA GLN A 25 15.50 6.69 -2.77
C GLN A 25 14.51 6.84 -3.91
N LEU A 26 14.09 8.08 -4.13
CA LEU A 26 13.27 8.38 -5.29
C LEU A 26 13.97 7.94 -6.56
N PRO A 27 13.23 7.45 -7.56
CA PRO A 27 13.83 7.28 -8.88
C PRO A 27 14.29 8.63 -9.39
N ASP A 28 15.39 8.62 -10.16
CA ASP A 28 15.95 9.87 -10.66
C ASP A 28 14.88 10.75 -11.29
N GLY A 29 14.06 10.16 -12.17
CA GLY A 29 12.98 10.91 -12.80
C GLY A 29 12.03 11.54 -11.81
N TYR A 30 11.89 10.95 -10.63
CA TYR A 30 10.97 11.51 -9.62
C TYR A 30 11.61 12.65 -8.86
N ALA A 31 12.91 12.56 -8.55
CA ALA A 31 13.59 13.67 -7.89
C ALA A 31 13.63 14.90 -8.78
N GLN A 32 13.61 14.71 -10.10
CA GLN A 32 13.47 15.81 -11.04
C GLN A 32 12.15 16.52 -10.80
N LEU A 33 11.05 15.83 -11.07
CA LEU A 33 9.71 16.41 -10.94
C LEU A 33 9.53 17.10 -9.60
N ARG A 34 10.10 16.52 -8.53
CA ARG A 34 10.04 17.16 -7.22
C ARG A 34 10.64 18.55 -7.26
N ASP A 35 11.73 18.73 -8.02
CA ASP A 35 12.51 19.96 -7.96
C ASP A 35 11.97 21.06 -8.86
N THR A 36 11.19 20.73 -9.88
CA THR A 36 10.62 21.75 -10.75
C THR A 36 9.61 22.58 -9.97
N PRO A 37 9.51 23.90 -10.21
N PRO A 37 9.65 23.91 -10.09
CA PRO A 37 8.84 24.79 -9.25
CA PRO A 37 8.67 24.72 -9.39
C PRO A 37 7.31 24.67 -9.11
C PRO A 37 7.31 24.46 -10.01
N GLY A 38 6.55 24.14 -10.09
N GLY A 38 6.29 24.74 -9.23
CA GLY A 38 5.09 24.14 -10.00
CA GLY A 38 4.97 24.40 -9.69
C GLY A 38 4.56 22.97 -9.18
C GLY A 38 4.52 23.09 -9.09
N PRO A 39 3.25 23.02 -8.85
CA PRO A 39 2.65 21.88 -8.16
C PRO A 39 2.27 20.74 -9.09
N LEU A 40 2.16 21.01 -10.39
CA LEU A 40 1.65 20.05 -11.36
C LEU A 40 2.63 19.93 -12.50
N HIS A 41 2.86 18.70 -12.97
CA HIS A 41 3.70 18.47 -14.13
C HIS A 41 3.04 17.47 -15.05
N ARG A 42 3.25 17.66 -16.34
CA ARG A 42 2.77 16.72 -17.35
C ARG A 42 3.67 15.50 -17.41
N VAL A 43 3.05 14.34 -17.68
CA VAL A 43 3.77 13.08 -17.88
C VAL A 43 3.06 12.31 -18.99
N THR A 44 3.73 11.28 -19.49
CA THR A 44 3.15 10.42 -20.51
C THR A 44 3.03 9.00 -19.96
N LEU A 45 1.81 8.50 -19.93
CA LEU A 45 1.59 7.15 -19.43
C LEU A 45 1.89 6.12 -20.51
N TYR A 46 1.83 4.84 -20.12
CA TYR A 46 2.29 3.77 -20.99
C TYR A 46 1.57 3.75 -22.34
N ASP A 47 0.33 4.21 -22.38
CA ASP A 47 -0.46 4.20 -23.61
C ASP A 47 -0.36 5.50 -24.39
N GLY A 48 0.69 6.29 -24.18
CA GLY A 48 0.88 7.53 -24.90
C GLY A 48 -0.04 8.66 -24.51
N ARG A 49 -1.04 8.42 -23.67
CA ARG A 49 -1.81 9.51 -23.13
C ARG A 49 -0.95 10.33 -22.17
N GLN A 50 -1.31 11.60 -22.01
CA GLN A 50 -0.58 12.52 -21.15
C GLN A 50 -1.38 12.81 -19.90
N ALA A 51 -0.69 12.98 -18.77
CA ALA A 51 -1.36 13.09 -17.49
C ALA A 51 -0.66 14.09 -16.59
N TRP A 52 -1.36 14.50 -15.54
CA TRP A 52 -0.85 15.40 -14.52
C TRP A 52 -0.37 14.61 -13.31
N VAL A 53 0.80 14.94 -12.80
CA VAL A 53 1.26 14.44 -11.51
C VAL A 53 1.37 15.62 -10.56
N VAL A 54 0.95 15.43 -9.32
CA VAL A 54 1.12 16.44 -8.30
C VAL A 54 2.44 16.19 -7.60
N THR A 55 3.20 17.26 -7.36
CA THR A 55 4.58 17.13 -6.91
C THR A 55 4.88 17.95 -5.66
N LYS A 56 3.87 18.53 -5.02
CA LYS A 56 4.07 19.33 -3.82
C LYS A 56 3.10 18.89 -2.73
N HIS A 57 3.55 19.04 -1.48
CA HIS A 57 2.79 18.49 -0.35
C HIS A 57 1.44 19.20 -0.18
N GLU A 58 1.46 20.52 -0.06
CA GLU A 58 0.21 21.25 0.15
C GLU A 58 -0.75 21.06 -1.02
N ALA A 59 -0.22 20.94 -2.24
CA ALA A 59 -1.09 20.75 -3.41
C ALA A 59 -1.71 19.36 -3.41
N ALA A 60 -0.89 18.33 -3.24
CA ALA A 60 -1.39 16.97 -3.03
C ALA A 60 -2.49 16.95 -1.97
N ARG A 61 -2.21 17.55 -0.82
CA ARG A 61 -3.18 17.58 0.27
C ARG A 61 -4.48 18.24 -0.16
N LYS A 62 -4.40 19.29 -0.97
CA LYS A 62 -5.60 20.01 -1.37
C LYS A 62 -6.38 19.25 -2.45
N LEU A 63 -5.67 18.67 -3.42
CA LEU A 63 -6.34 17.94 -4.48
C LEU A 63 -6.99 16.66 -3.96
N LEU A 64 -6.34 15.99 -2.99
CA LEU A 64 -6.94 14.79 -2.43
C LEU A 64 -8.23 15.10 -1.69
N GLY A 65 -8.37 16.32 -1.17
CA GLY A 65 -9.62 16.75 -0.58
C GLY A 65 -10.63 17.33 -1.55
N ASP A 66 -10.23 17.57 -2.80
CA ASP A 66 -11.09 18.26 -3.76
C ASP A 66 -12.13 17.30 -4.33
N PRO A 67 -13.42 17.61 -4.22
CA PRO A 67 -14.45 16.71 -4.76
C PRO A 67 -14.54 16.70 -6.27
N ARG A 68 -13.74 17.49 -6.99
CA ARG A 68 -13.78 17.45 -8.45
C ARG A 68 -12.83 16.43 -9.04
N LEU A 69 -12.02 15.77 -8.22
CA LEU A 69 -11.18 14.66 -8.65
C LEU A 69 -11.86 13.35 -8.23
N SER A 70 -12.25 12.56 -9.23
CA SER A 70 -12.99 11.33 -9.01
C SER A 70 -12.05 10.14 -8.92
N SER A 71 -12.43 9.15 -8.11
CA SER A 71 -11.72 7.88 -7.99
C SER A 71 -12.34 6.78 -8.84
N ASN A 72 -13.27 7.13 -9.72
CA ASN A 72 -13.97 6.17 -10.57
C ASN A 72 -12.99 5.58 -11.58
N ARG A 73 -12.67 4.30 -11.43
CA ARG A 73 -11.69 3.64 -12.29
CA ARG A 73 -11.68 3.67 -12.30
C ARG A 73 -12.28 3.18 -13.61
N THR A 74 -13.61 3.02 -13.69
CA THR A 74 -14.24 2.61 -14.92
C THR A 74 -14.38 3.76 -15.92
N ASP A 75 -14.12 5.00 -15.48
CA ASP A 75 -14.03 6.13 -16.39
C ASP A 75 -12.96 5.87 -17.43
N ASP A 76 -13.27 6.20 -18.69
CA ASP A 76 -12.31 5.98 -19.77
CA ASP A 76 -12.30 5.97 -19.75
C ASP A 76 -11.10 6.89 -19.68
N ASN A 77 -11.18 7.98 -18.92
CA ASN A 77 -10.05 8.87 -18.78
C ASN A 77 -9.27 8.65 -17.48
N PHE A 78 -9.62 7.63 -16.72
CA PHE A 78 -8.81 7.32 -15.55
C PHE A 78 -7.39 6.99 -15.97
N PRO A 79 -6.38 7.54 -15.32
CA PRO A 79 -4.98 7.31 -15.73
C PRO A 79 -4.42 5.95 -15.31
N ALA A 80 -4.76 4.93 -16.09
CA ALA A 80 -4.15 3.63 -15.94
C ALA A 80 -2.66 3.71 -16.22
N THR A 81 -1.85 3.18 -15.30
CA THR A 81 -0.41 3.23 -15.47
C THR A 81 0.20 1.96 -16.03
N SER A 82 -0.60 0.93 -16.32
CA SER A 82 -0.06 -0.32 -16.83
C SER A 82 -1.17 -1.12 -17.47
N PRO A 83 -0.83 -2.04 -18.39
CA PRO A 83 -1.85 -2.95 -18.94
C PRO A 83 -2.60 -3.72 -17.88
N ALA A 84 -1.88 -4.33 -16.93
CA ALA A 84 -2.45 -5.08 -15.82
C ALA A 84 -3.64 -4.36 -15.21
N PHE A 85 -3.61 -3.02 -15.23
CA PHE A 85 -4.67 -2.25 -14.59
CA PHE A 85 -4.67 -2.25 -14.59
C PHE A 85 -6.03 -2.57 -15.17
N GLU A 86 -6.11 -3.02 -16.41
CA GLU A 86 -7.46 -3.15 -16.93
C GLU A 86 -8.18 -4.39 -16.42
N ALA A 87 -7.57 -5.12 -15.47
CA ALA A 87 -8.32 -6.08 -14.66
C ALA A 87 -9.27 -5.38 -13.71
N VAL A 88 -8.74 -4.42 -12.94
CA VAL A 88 -9.55 -3.74 -11.94
C VAL A 88 -10.53 -2.80 -12.61
N ARG A 89 -10.15 -2.25 -13.78
CA ARG A 89 -11.04 -1.34 -14.48
C ARG A 89 -12.35 -2.02 -14.87
N GLU A 90 -12.29 -3.26 -15.35
CA GLU A 90 -13.53 -3.85 -15.85
C GLU A 90 -14.26 -4.68 -14.81
N SER A 91 -13.75 -4.74 -13.55
CA SER A 91 -14.41 -5.52 -12.50
C SER A 91 -15.31 -4.62 -11.64
N PRO A 92 -16.35 -5.19 -11.00
CA PRO A 92 -17.10 -4.42 -10.00
C PRO A 92 -16.16 -3.74 -9.02
N GLN A 93 -16.51 -2.51 -8.64
CA GLN A 93 -15.61 -1.67 -7.87
C GLN A 93 -15.80 -1.86 -6.38
N ALA A 94 -14.69 -2.00 -5.66
CA ALA A 94 -14.69 -1.80 -4.22
C ALA A 94 -14.82 -0.30 -3.92
N PHE A 95 -15.03 0.04 -2.65
CA PHE A 95 -15.31 1.44 -2.34
C PHE A 95 -14.11 2.35 -2.55
N ILE A 96 -12.91 1.81 -2.74
CA ILE A 96 -11.76 2.63 -3.10
C ILE A 96 -11.94 3.26 -4.47
N GLY A 97 -12.75 2.67 -5.34
CA GLY A 97 -13.09 3.23 -6.63
C GLY A 97 -14.43 3.93 -6.69
N LEU A 98 -15.05 4.22 -5.54
CA LEU A 98 -16.30 4.94 -5.47
C LEU A 98 -16.07 6.37 -5.03
N ASP A 99 -17.08 7.21 -5.26
CA ASP A 99 -17.11 8.61 -4.85
C ASP A 99 -18.26 8.82 -3.88
N PRO A 100 -18.20 9.87 -3.06
CA PRO A 100 -19.36 10.23 -2.27
C PRO A 100 -20.55 10.49 -3.17
N PRO A 101 -21.76 10.14 -2.72
CA PRO A 101 -22.09 9.52 -1.43
C PRO A 101 -22.03 7.97 -1.40
N GLU A 102 -21.77 7.27 -2.51
CA GLU A 102 -21.68 5.82 -2.45
C GLU A 102 -20.52 5.37 -1.59
N HIS A 103 -19.37 6.03 -1.71
CA HIS A 103 -18.17 5.61 -1.00
C HIS A 103 -18.43 5.47 0.49
N GLY A 104 -19.26 6.35 1.06
CA GLY A 104 -19.45 6.36 2.49
C GLY A 104 -20.26 5.18 2.99
N THR A 105 -21.36 4.85 2.31
CA THR A 105 -22.21 3.76 2.78
C THR A 105 -21.52 2.42 2.67
N ARG A 106 -20.59 2.27 1.71
CA ARG A 106 -19.84 1.02 1.61
CA ARG A 106 -19.84 1.02 1.61
C ARG A 106 -18.73 0.98 2.65
N ARG A 107 -17.98 2.06 2.79
CA ARG A 107 -16.91 2.11 3.78
C ARG A 107 -17.46 1.90 5.18
N ARG A 108 -18.63 2.47 5.49
CA ARG A 108 -19.17 2.36 6.83
C ARG A 108 -19.49 0.92 7.24
N MET A 109 -19.52 -0.02 6.30
CA MET A 109 -19.75 -1.42 6.63
C MET A 109 -18.50 -2.13 7.13
N THR A 110 -17.33 -1.56 6.88
CA THR A 110 -16.06 -2.21 7.22
C THR A 110 -15.36 -1.56 8.40
N ILE A 111 -15.82 -0.40 8.88
CA ILE A 111 -15.02 0.40 9.79
C ILE A 111 -15.06 -0.09 11.24
N SER A 112 -16.07 -0.86 11.63
CA SER A 112 -16.15 -1.28 13.03
C SER A 112 -14.94 -2.10 13.44
N GLU A 113 -14.32 -2.79 12.48
CA GLU A 113 -13.15 -3.64 12.74
C GLU A 113 -11.84 -2.87 12.73
N PHE A 114 -11.84 -1.57 12.41
CA PHE A 114 -10.60 -0.84 12.18
C PHE A 114 -10.45 0.40 13.06
N THR A 115 -11.27 0.54 14.10
CA THR A 115 -11.20 1.68 15.00
C THR A 115 -10.03 1.52 15.98
N VAL A 116 -9.57 2.66 16.51
CA VAL A 116 -8.44 2.64 17.44
C VAL A 116 -8.71 1.70 18.62
N LYS A 117 -9.96 1.66 19.08
CA LYS A 117 -10.29 0.81 20.22
C LYS A 117 -10.08 -0.65 19.87
N ARG A 118 -10.63 -1.08 18.74
CA ARG A 118 -10.46 -2.46 18.29
CA ARG A 118 -10.45 -2.46 18.32
C ARG A 118 -9.00 -2.76 17.96
N ILE A 119 -8.30 -1.82 17.36
CA ILE A 119 -6.93 -2.11 16.96
C ILE A 119 -6.03 -2.20 18.19
N LYS A 120 -6.21 -1.29 19.15
CA LYS A 120 -5.41 -1.34 20.37
C LYS A 120 -5.51 -2.70 21.04
N GLY A 121 -6.73 -3.19 21.23
CA GLY A 121 -6.97 -4.45 21.91
C GLY A 121 -6.45 -5.66 21.18
N MET A 122 -6.19 -5.54 19.87
CA MET A 122 -5.57 -6.64 19.14
C MET A 122 -4.10 -6.80 19.50
N ARG A 123 -3.53 -5.92 20.33
CA ARG A 123 -2.07 -5.98 20.51
C ARG A 123 -1.60 -7.33 21.02
N PRO A 124 -2.25 -7.96 22.02
CA PRO A 124 -1.83 -9.32 22.42
C PRO A 124 -1.78 -10.31 21.28
N GLU A 125 -2.81 -10.34 20.43
CA GLU A 125 -2.87 -11.35 19.37
C GLU A 125 -1.79 -11.11 18.32
N VAL A 126 -1.48 -9.85 18.02
CA VAL A 126 -0.43 -9.57 17.05
C VAL A 126 0.94 -9.94 17.60
N GLU A 127 1.17 -9.65 18.89
CA GLU A 127 2.42 -10.09 19.50
C GLU A 127 2.56 -11.60 19.41
N GLU A 128 1.45 -12.34 19.60
CA GLU A 128 1.52 -13.79 19.54
C GLU A 128 1.90 -14.28 18.13
N VAL A 129 1.31 -13.67 17.09
CA VAL A 129 1.59 -14.14 15.73
C VAL A 129 3.06 -13.92 15.40
N VAL A 130 3.58 -12.73 15.71
CA VAL A 130 4.93 -12.37 15.28
C VAL A 130 5.95 -13.30 15.91
N HIS A 131 5.97 -13.37 17.24
CA HIS A 131 6.91 -14.25 17.93
C HIS A 131 6.73 -15.70 17.52
N GLY A 132 5.50 -16.09 17.16
CA GLY A 132 5.28 -17.43 16.66
C GLY A 132 6.07 -17.73 15.40
N PHE A 133 6.01 -16.82 14.41
CA PHE A 133 6.70 -17.03 13.15
C PHE A 133 8.21 -16.80 13.27
N LEU A 134 8.64 -15.98 14.22
CA LEU A 134 10.08 -15.83 14.47
C LEU A 134 10.66 -17.12 15.02
N ASP A 135 10.14 -17.57 16.18
CA ASP A 135 10.42 -18.88 16.74
C ASP A 135 10.68 -19.90 15.65
N GLU A 136 9.71 -20.09 14.75
CA GLU A 136 9.88 -21.07 13.70
C GLU A 136 11.03 -20.68 12.77
N MET A 137 11.14 -19.39 12.44
CA MET A 137 12.20 -18.94 11.55
C MET A 137 13.57 -19.19 12.15
N LEU A 138 13.78 -18.66 13.37
CA LEU A 138 15.06 -18.84 14.07
C LEU A 138 15.44 -20.31 14.18
N ALA A 139 14.48 -21.16 14.54
CA ALA A 139 14.78 -22.55 14.84
C ALA A 139 15.26 -23.32 13.62
N ALA A 140 14.79 -22.95 12.42
CA ALA A 140 15.28 -23.57 11.21
C ALA A 140 16.62 -22.99 10.76
N GLY A 141 17.11 -21.97 11.47
CA GLY A 141 18.46 -21.51 11.31
C GLY A 141 18.70 -20.73 10.04
N PRO A 142 19.72 -19.87 10.09
CA PRO A 142 20.12 -19.13 8.89
C PRO A 142 20.52 -20.08 7.76
N THR A 143 20.41 -19.59 6.53
CA THR A 143 19.85 -18.27 6.28
C THR A 143 18.36 -18.38 5.99
N ALA A 144 17.71 -17.24 6.00
CA ALA A 144 16.27 -17.15 5.84
C ALA A 144 15.91 -16.10 4.81
N ASP A 145 14.88 -16.37 4.02
CA ASP A 145 14.21 -15.35 3.23
C ASP A 145 13.17 -14.69 4.11
N LEU A 146 13.39 -13.41 4.46
CA LEU A 146 12.47 -12.76 5.37
C LEU A 146 11.10 -12.49 4.73
N VAL A 147 10.95 -12.68 3.42
CA VAL A 147 9.67 -12.45 2.78
C VAL A 147 8.72 -13.61 3.09
N SER A 148 9.02 -14.79 2.54
CA SER A 148 8.11 -15.92 2.62
C SER A 148 7.99 -16.48 4.04
N GLN A 149 8.96 -16.23 4.91
CA GLN A 149 8.95 -16.86 6.22
C GLN A 149 8.50 -15.94 7.33
N PHE A 150 8.44 -14.63 7.10
CA PHE A 150 8.06 -13.72 8.17
C PHE A 150 7.20 -12.58 7.66
N ALA A 151 7.76 -11.74 6.79
CA ALA A 151 7.09 -10.49 6.43
C ALA A 151 5.73 -10.72 5.79
N LEU A 152 5.59 -11.78 5.02
CA LEU A 152 4.30 -12.07 4.41
C LEU A 152 3.36 -12.85 5.32
N PRO A 153 3.79 -13.92 5.99
CA PRO A 153 2.84 -14.69 6.81
C PRO A 153 2.22 -13.91 7.96
N VAL A 154 2.94 -12.97 8.56
CA VAL A 154 2.45 -12.28 9.76
C VAL A 154 1.20 -11.47 9.45
N PRO A 155 1.20 -10.54 8.47
CA PRO A 155 -0.04 -9.80 8.18
C PRO A 155 -1.12 -10.67 7.56
N SER A 156 -0.74 -11.69 6.79
CA SER A 156 -1.73 -12.60 6.24
C SER A 156 -2.54 -13.26 7.35
N MET A 157 -1.87 -13.78 8.37
CA MET A 157 -2.58 -14.42 9.47
C MET A 157 -3.49 -13.42 10.18
N VAL A 158 -2.98 -12.21 10.45
CA VAL A 158 -3.78 -11.22 11.17
C VAL A 158 -5.02 -10.83 10.37
N ILE A 159 -4.85 -10.51 9.09
CA ILE A 159 -5.98 -10.03 8.30
C ILE A 159 -7.01 -11.14 8.10
N CYS A 160 -6.55 -12.39 8.02
CA CYS A 160 -7.49 -13.51 7.85
C CYS A 160 -8.39 -13.66 9.06
N ARG A 161 -7.82 -13.61 10.27
CA ARG A 161 -8.65 -13.70 11.46
C ARG A 161 -9.62 -12.52 11.54
N LEU A 162 -9.22 -11.37 11.02
CA LEU A 162 -10.13 -10.23 10.99
C LEU A 162 -11.23 -10.43 9.96
N LEU A 163 -10.87 -10.89 8.76
CA LEU A 163 -11.87 -11.10 7.71
C LEU A 163 -12.68 -12.37 7.91
N GLY A 164 -12.15 -13.36 8.61
CA GLY A 164 -12.78 -14.67 8.67
C GLY A 164 -12.39 -15.59 7.54
N VAL A 165 -11.32 -15.29 6.83
CA VAL A 165 -10.79 -16.19 5.81
C VAL A 165 -9.93 -17.25 6.50
N PRO A 166 -10.13 -18.53 6.20
CA PRO A 166 -9.37 -19.58 6.91
C PRO A 166 -7.90 -19.56 6.47
N TYR A 167 -7.00 -19.47 7.45
CA TYR A 167 -5.59 -19.49 7.10
C TYR A 167 -5.15 -20.81 6.51
N ALA A 168 -5.97 -21.86 6.64
CA ALA A 168 -5.66 -23.13 5.99
C ALA A 168 -5.38 -22.95 4.50
N ASP A 169 -6.22 -22.16 3.83
CA ASP A 169 -6.08 -21.94 2.39
C ASP A 169 -5.03 -20.88 2.08
N HIS A 170 -4.03 -20.72 2.95
CA HIS A 170 -3.12 -19.58 2.79
C HIS A 170 -2.29 -19.69 1.52
N GLU A 171 -1.89 -20.91 1.14
CA GLU A 171 -1.06 -21.03 -0.05
C GLU A 171 -1.80 -20.61 -1.31
N PHE A 172 -3.11 -20.82 -1.35
CA PHE A 172 -3.86 -20.45 -2.56
C PHE A 172 -3.94 -18.95 -2.72
N PHE A 173 -4.42 -18.22 -1.69
CA PHE A 173 -4.70 -16.81 -1.91
C PHE A 173 -3.44 -15.95 -1.87
N GLN A 174 -2.45 -16.32 -1.06
CA GLN A 174 -1.17 -15.62 -1.12
C GLN A 174 -0.60 -15.66 -2.53
N ASP A 175 -0.68 -16.82 -3.19
CA ASP A 175 -0.18 -16.93 -4.56
C ASP A 175 -1.00 -16.09 -5.52
N ALA A 176 -2.32 -16.10 -5.39
CA ALA A 176 -3.15 -15.31 -6.29
C ALA A 176 -2.98 -13.82 -6.07
N SER A 177 -2.68 -13.42 -4.83
CA SER A 177 -2.40 -12.01 -4.55
C SER A 177 -1.07 -11.59 -5.16
N LYS A 178 -0.05 -12.44 -5.03
CA LYS A 178 1.24 -12.18 -5.67
C LYS A 178 1.10 -11.96 -7.17
N ARG A 179 0.43 -12.90 -7.85
CA ARG A 179 0.26 -12.77 -9.29
C ARG A 179 -0.49 -11.51 -9.66
N LEU A 180 -1.43 -11.07 -8.81
CA LEU A 180 -2.26 -9.94 -9.18
C LEU A 180 -1.56 -8.60 -8.95
N VAL A 181 -0.76 -8.47 -7.90
CA VAL A 181 -0.07 -7.18 -7.72
C VAL A 181 1.05 -7.04 -8.74
N GLN A 182 1.79 -8.12 -9.02
CA GLN A 182 2.95 -8.04 -9.88
C GLN A 182 2.65 -8.31 -11.34
N SER A 183 1.40 -8.69 -11.66
CA SER A 183 1.04 -8.96 -13.05
C SER A 183 1.50 -7.83 -13.95
N THR A 184 2.15 -8.22 -15.05
CA THR A 184 2.65 -7.26 -16.03
C THR A 184 1.73 -7.11 -17.23
N ASP A 185 1.00 -8.15 -17.60
CA ASP A 185 0.03 -8.05 -18.68
C ASP A 185 -1.39 -8.08 -18.11
N ALA A 186 -2.35 -7.76 -18.97
CA ALA A 186 -3.75 -7.85 -18.58
C ALA A 186 -4.16 -9.31 -18.36
N GLN A 187 -3.72 -10.21 -19.26
CA GLN A 187 -4.19 -11.60 -19.16
C GLN A 187 -3.87 -12.19 -17.79
N SER A 188 -2.65 -11.99 -17.31
CA SER A 188 -2.25 -12.58 -16.04
C SER A 188 -3.00 -11.96 -14.87
N ALA A 189 -3.26 -10.65 -14.92
CA ALA A 189 -3.97 -9.98 -13.83
C ALA A 189 -5.39 -10.49 -13.71
N LEU A 190 -6.10 -10.60 -14.83
CA LEU A 190 -7.48 -11.07 -14.80
C LEU A 190 -7.55 -12.49 -14.25
N THR A 191 -6.61 -13.35 -14.65
CA THR A 191 -6.64 -14.74 -14.22
C THR A 191 -6.35 -14.86 -12.73
N ALA A 192 -5.48 -14.00 -12.20
CA ALA A 192 -5.30 -13.95 -10.74
C ALA A 192 -6.56 -13.46 -10.05
N ARG A 193 -7.17 -12.41 -10.58
CA ARG A 193 -8.41 -11.90 -9.99
C ARG A 193 -9.48 -12.97 -9.97
N ASN A 194 -9.64 -13.70 -11.08
CA ASN A 194 -10.72 -14.68 -11.16
C ASN A 194 -10.46 -15.89 -10.26
N ASP A 195 -9.19 -16.24 -10.02
CA ASP A 195 -8.89 -17.24 -9.00
C ASP A 195 -9.41 -16.78 -7.63
N LEU A 196 -9.03 -15.56 -7.23
CA LEU A 196 -9.42 -15.06 -5.92
C LEU A 196 -10.93 -14.90 -5.80
N ALA A 197 -11.56 -14.31 -6.81
CA ALA A 197 -13.00 -14.11 -6.77
C ALA A 197 -13.74 -15.44 -6.64
N GLY A 198 -13.32 -16.44 -7.43
CA GLY A 198 -13.99 -17.73 -7.37
C GLY A 198 -13.88 -18.37 -6.01
N TYR A 199 -12.69 -18.27 -5.40
CA TYR A 199 -12.51 -18.71 -4.02
C TYR A 199 -13.48 -18.00 -3.07
N LEU A 200 -13.55 -16.67 -3.18
CA LEU A 200 -14.37 -15.89 -2.25
C LEU A 200 -15.86 -16.13 -2.44
N ASP A 201 -16.29 -16.43 -3.67
CA ASP A 201 -17.71 -16.72 -3.90
C ASP A 201 -18.12 -17.99 -3.17
N GLY A 202 -17.26 -19.01 -3.17
CA GLY A 202 -17.56 -20.22 -2.41
C GLY A 202 -17.56 -19.98 -0.92
N LEU A 203 -16.70 -19.09 -0.44
CA LEU A 203 -16.70 -18.76 0.98
C LEU A 203 -18.04 -18.14 1.40
N ILE A 204 -18.61 -17.32 0.52
CA ILE A 204 -19.89 -16.66 0.82
C ILE A 204 -21.01 -17.68 0.95
N THR A 205 -21.07 -18.63 0.02
CA THR A 205 -22.08 -19.69 0.10
C THR A 205 -21.90 -20.49 1.38
N GLN A 206 -20.65 -20.86 1.69
CA GLN A 206 -20.35 -21.56 2.93
C GLN A 206 -20.84 -20.77 4.14
N PHE A 207 -20.72 -19.43 4.10
CA PHE A 207 -21.21 -18.61 5.20
C PHE A 207 -22.72 -18.46 5.19
N GLN A 208 -23.36 -18.68 4.04
CA GLN A 208 -24.82 -18.66 4.02
C GLN A 208 -25.40 -19.95 4.61
N THR A 209 -24.67 -21.05 4.50
CA THR A 209 -25.01 -22.26 5.25
C THR A 209 -24.63 -22.11 6.72
N GLU A 210 -23.41 -21.72 7.04
CA GLU A 210 -22.88 -21.69 8.40
CA GLU A 210 -23.01 -21.64 8.43
C GLU A 210 -22.42 -20.27 8.78
N PRO A 211 -23.15 -19.45 9.53
CA PRO A 211 -22.64 -18.09 9.74
C PRO A 211 -21.21 -18.15 10.22
N GLY A 212 -20.34 -17.45 9.51
CA GLY A 212 -18.92 -17.46 9.80
C GLY A 212 -18.53 -16.35 10.76
N ALA A 213 -17.27 -16.35 11.14
CA ALA A 213 -16.71 -15.28 11.93
C ALA A 213 -16.12 -14.22 11.02
N GLY A 214 -15.60 -13.14 11.61
CA GLY A 214 -14.91 -12.12 10.84
C GLY A 214 -15.85 -11.14 10.16
N LEU A 215 -15.23 -10.19 9.47
CA LEU A 215 -15.99 -9.18 8.74
C LEU A 215 -16.82 -9.81 7.62
N VAL A 216 -16.21 -10.71 6.84
CA VAL A 216 -16.90 -11.30 5.71
C VAL A 216 -18.13 -12.07 6.18
N GLY A 217 -17.99 -12.84 7.25
CA GLY A 217 -19.16 -13.53 7.81
C GLY A 217 -20.26 -12.56 8.19
N ALA A 218 -19.91 -11.45 8.83
CA ALA A 218 -20.93 -10.50 9.27
C ALA A 218 -21.57 -9.77 8.08
N LEU A 219 -20.80 -9.52 7.02
CA LEU A 219 -21.38 -8.89 5.84
C LEU A 219 -22.30 -9.84 5.09
N VAL A 220 -21.91 -11.12 5.00
CA VAL A 220 -22.80 -12.11 4.39
C VAL A 220 -24.12 -12.18 5.15
N ALA A 221 -24.05 -12.33 6.48
CA ALA A 221 -25.23 -12.63 7.26
C ALA A 221 -26.17 -11.43 7.39
N ASP A 222 -25.68 -10.23 7.11
CA ASP A 222 -26.44 -9.02 7.40
C ASP A 222 -26.72 -8.25 6.11
N GLN A 223 -25.71 -7.53 5.62
CA GLN A 223 -25.90 -6.68 4.45
C GLN A 223 -26.32 -7.47 3.22
N LEU A 224 -25.67 -8.61 2.97
CA LEU A 224 -26.02 -9.41 1.80
C LEU A 224 -27.44 -9.96 1.91
N ALA A 225 -27.81 -10.43 3.11
CA ALA A 225 -29.14 -11.02 3.31
C ALA A 225 -30.26 -10.02 3.10
N ASN A 226 -29.98 -8.73 3.27
CA ASN A 226 -30.98 -7.68 3.09
C ASN A 226 -30.85 -6.96 1.76
N GLY A 227 -29.95 -7.42 0.89
CA GLY A 227 -29.81 -6.82 -0.42
C GLY A 227 -29.19 -5.44 -0.44
N GLU A 228 -28.47 -5.07 0.60
CA GLU A 228 -27.83 -3.76 0.61
C GLU A 228 -26.51 -3.75 -0.12
N ILE A 229 -25.90 -4.92 -0.30
CA ILE A 229 -24.70 -5.04 -1.11
C ILE A 229 -24.90 -6.18 -2.09
N ASP A 230 -24.39 -6.00 -3.31
CA ASP A 230 -24.34 -7.09 -4.27
C ASP A 230 -23.33 -8.14 -3.81
N ARG A 231 -23.63 -9.40 -4.12
CA ARG A 231 -22.70 -10.48 -3.88
C ARG A 231 -21.33 -10.20 -4.49
N GLU A 232 -21.32 -9.69 -5.72
CA GLU A 232 -20.07 -9.46 -6.45
C GLU A 232 -19.35 -8.22 -5.91
N GLU A 233 -20.09 -7.28 -5.34
CA GLU A 233 -19.48 -6.16 -4.63
C GLU A 233 -18.80 -6.63 -3.36
N LEU A 234 -19.46 -7.51 -2.61
CA LEU A 234 -18.86 -8.13 -1.43
C LEU A 234 -17.54 -8.79 -1.78
N ILE A 235 -17.50 -9.54 -2.89
CA ILE A 235 -16.29 -10.21 -3.32
C ILE A 235 -15.16 -9.22 -3.53
N SER A 236 -15.46 -8.09 -4.19
CA SER A 236 -14.44 -7.08 -4.43
C SER A 236 -13.97 -6.43 -3.14
N THR A 237 -14.90 -6.16 -2.22
CA THR A 237 -14.51 -5.52 -0.96
C THR A 237 -13.61 -6.44 -0.14
N ALA A 238 -14.04 -7.69 0.06
CA ALA A 238 -13.19 -8.65 0.75
C ALA A 238 -11.86 -8.82 0.05
N MET A 239 -11.86 -8.80 -1.27
CA MET A 239 -10.62 -8.97 -2.01
C MET A 239 -9.69 -7.79 -1.82
N LEU A 240 -10.24 -6.57 -1.78
CA LEU A 240 -9.43 -5.39 -1.52
C LEU A 240 -8.77 -5.46 -0.13
N LEU A 241 -9.58 -5.72 0.90
CA LEU A 241 -9.04 -5.81 2.26
C LEU A 241 -8.01 -6.92 2.39
N LEU A 242 -8.24 -8.04 1.70
CA LEU A 242 -7.35 -9.18 1.81
C LEU A 242 -5.98 -8.87 1.21
N ILE A 243 -5.95 -8.38 -0.03
CA ILE A 243 -4.69 -8.04 -0.67
C ILE A 243 -4.01 -6.88 0.03
N ALA A 244 -4.78 -5.84 0.35
CA ALA A 244 -4.20 -4.69 1.05
C ALA A 244 -3.70 -5.09 2.43
N GLY A 245 -4.46 -5.94 3.12
CA GLY A 245 -4.04 -6.37 4.45
C GLY A 245 -2.67 -7.03 4.45
N HIS A 246 -2.30 -7.74 3.41
N HIS A 246 -2.43 -7.90 3.47
CA HIS A 246 -1.01 -8.40 3.51
CA HIS A 246 -1.19 -8.61 3.16
C HIS A 246 0.06 -7.95 2.52
C HIS A 246 -0.10 -7.65 2.69
N GLU A 247 -0.27 -7.25 1.43
CA GLU A 247 0.82 -6.82 0.56
CA GLU A 247 0.81 -6.80 0.56
C GLU A 247 1.53 -5.58 1.11
N THR A 248 0.80 -4.66 1.71
CA THR A 248 1.41 -3.39 2.09
C THR A 248 2.28 -3.53 3.34
N THR A 249 1.73 -4.09 4.42
CA THR A 249 2.51 -4.27 5.64
C THR A 249 3.76 -5.09 5.38
N ALA A 250 3.67 -6.08 4.49
CA ALA A 250 4.80 -6.96 4.24
C ALA A 250 5.93 -6.23 3.52
N SER A 251 5.60 -5.36 2.57
CA SER A 251 6.62 -4.58 1.89
C SER A 251 7.23 -3.55 2.83
N MET A 252 6.41 -2.91 3.66
CA MET A 252 6.92 -2.04 4.70
C MET A 252 7.94 -2.77 5.56
N THR A 253 7.61 -3.99 5.97
CA THR A 253 8.53 -4.77 6.81
C THR A 253 9.84 -5.03 6.10
N SER A 254 9.79 -5.51 4.85
CA SER A 254 11.01 -5.83 4.13
CA SER A 254 11.02 -5.83 4.14
C SER A 254 11.83 -4.58 3.84
N LEU A 255 11.17 -3.53 3.33
CA LEU A 255 11.90 -2.31 2.98
C LEU A 255 12.40 -1.58 4.22
N SER A 256 11.57 -1.50 5.27
CA SER A 256 12.03 -0.92 6.53
C SER A 256 13.23 -1.67 7.08
N VAL A 257 13.35 -2.95 6.75
CA VAL A 257 14.50 -3.73 7.21
C VAL A 257 15.73 -3.39 6.39
N ILE A 258 15.61 -3.42 5.06
CA ILE A 258 16.71 -3.00 4.19
C ILE A 258 17.18 -1.60 4.59
N THR A 259 16.24 -0.71 4.88
CA THR A 259 16.55 0.69 5.11
C THR A 259 17.18 0.91 6.48
N LEU A 260 16.64 0.27 7.51
CA LEU A 260 17.20 0.42 8.85
C LEU A 260 18.63 -0.08 8.93
N LEU A 261 18.99 -1.05 8.09
CA LEU A 261 20.34 -1.58 8.12
C LEU A 261 21.33 -0.66 7.42
N ASP A 262 20.89 0.06 6.39
CA ASP A 262 21.74 1.04 5.73
C ASP A 262 21.77 2.38 6.43
N HIS A 263 21.27 2.45 7.67
CA HIS A 263 21.40 3.65 8.51
C HIS A 263 21.71 3.21 9.94
N PRO A 264 22.79 2.45 10.14
CA PRO A 264 22.95 1.67 11.38
C PRO A 264 23.06 2.50 12.66
N GLU A 265 23.26 3.81 12.59
CA GLU A 265 23.37 4.61 13.80
C GLU A 265 22.01 5.08 14.33
N GLN A 266 21.01 5.15 13.47
CA GLN A 266 19.65 5.37 13.94
C GLN A 266 19.04 4.10 14.50
N TYR A 267 19.39 2.95 13.92
CA TYR A 267 18.90 1.68 14.41
C TYR A 267 19.35 1.43 15.84
N ALA A 268 20.66 1.52 16.08
CA ALA A 268 21.22 1.49 17.43
C ALA A 268 20.38 2.30 18.41
N ALA A 269 20.12 3.57 18.08
CA ALA A 269 19.31 4.41 18.95
C ALA A 269 17.89 3.88 19.07
N LEU A 270 17.36 3.29 18.00
CA LEU A 270 16.05 2.65 18.08
C LEU A 270 16.07 1.51 19.09
N ARG A 271 17.04 0.61 18.94
CA ARG A 271 17.18 -0.52 19.86
C ARG A 271 17.30 -0.09 21.31
N ALA A 272 17.83 1.12 21.55
CA ALA A 272 18.17 1.55 22.90
C ALA A 272 17.05 2.32 23.60
N ASP A 273 16.11 2.88 22.85
CA ASP A 273 15.00 3.64 23.43
C ASP A 273 13.73 3.24 22.67
N ARG A 274 13.00 2.27 23.20
CA ARG A 274 11.81 1.82 22.52
C ARG A 274 10.69 2.86 22.54
N SER A 275 10.86 3.99 23.23
CA SER A 275 9.89 5.07 23.15
C SER A 275 9.90 5.74 21.78
N LEU A 276 10.99 5.60 21.02
CA LEU A 276 11.13 6.21 19.71
C LEU A 276 10.45 5.43 18.60
N VAL A 277 10.09 4.16 18.86
CA VAL A 277 9.58 3.30 17.79
C VAL A 277 8.35 3.88 17.11
N PRO A 278 7.34 4.40 17.82
CA PRO A 278 6.19 4.98 17.11
C PRO A 278 6.55 6.16 16.23
N GLY A 279 7.62 6.87 16.55
CA GLY A 279 8.07 7.98 15.71
C GLY A 279 8.84 7.49 14.50
N ALA A 280 9.65 6.46 14.68
CA ALA A 280 10.37 5.88 13.55
C ALA A 280 9.43 5.18 12.59
N VAL A 281 8.27 4.71 13.08
CA VAL A 281 7.27 4.14 12.19
C VAL A 281 6.74 5.22 11.26
N GLU A 282 6.29 6.35 11.82
CA GLU A 282 5.82 7.47 11.00
C GLU A 282 6.87 7.86 9.97
N GLU A 283 8.12 8.07 10.40
CA GLU A 283 9.15 8.53 9.48
C GLU A 283 9.42 7.49 8.40
N LEU A 284 9.41 6.21 8.77
CA LEU A 284 9.55 5.16 7.77
C LEU A 284 8.42 5.20 6.75
N LEU A 285 7.20 5.48 7.21
CA LEU A 285 6.06 5.56 6.29
C LEU A 285 6.21 6.74 5.35
N ARG A 286 6.55 7.91 5.89
CA ARG A 286 6.87 9.06 5.05
C ARG A 286 7.98 8.73 4.06
N TYR A 287 9.09 8.17 4.55
CA TYR A 287 10.28 7.99 3.73
C TYR A 287 10.06 6.99 2.60
N LEU A 288 9.46 5.84 2.92
CA LEU A 288 9.42 4.73 1.97
C LEU A 288 8.24 4.78 1.03
N ALA A 289 7.13 5.40 1.46
CA ALA A 289 5.93 5.62 0.65
C ALA A 289 5.70 4.52 -0.37
N ILE A 290 5.37 3.31 0.08
CA ILE A 290 5.37 2.15 -0.81
C ILE A 290 4.25 2.18 -1.84
N ALA A 291 3.25 3.03 -1.66
CA ALA A 291 2.11 3.02 -2.56
C ALA A 291 1.95 4.34 -3.31
N ASP A 292 2.97 4.76 -4.07
CA ASP A 292 2.85 6.02 -4.82
C ASP A 292 1.83 5.92 -5.94
N ILE A 293 1.51 4.71 -6.42
CA ILE A 293 0.52 4.59 -7.49
C ILE A 293 -0.87 4.96 -6.98
N ALA A 294 -1.13 4.76 -5.69
CA ALA A 294 -2.50 4.87 -5.20
C ALA A 294 -2.96 6.33 -5.10
N GLY A 295 -2.67 7.13 -6.13
CA GLY A 295 -3.03 8.53 -6.15
C GLY A 295 -3.86 8.90 -7.36
N GLY A 296 -4.46 7.87 -7.98
CA GLY A 296 -5.12 8.04 -9.26
C GLY A 296 -6.48 8.71 -9.14
N ARG A 297 -6.69 9.72 -9.98
CA ARG A 297 -7.93 10.49 -10.03
C ARG A 297 -8.18 10.94 -11.46
N VAL A 298 -9.42 11.32 -11.74
CA VAL A 298 -9.78 11.98 -13.00
C VAL A 298 -10.65 13.18 -12.66
N ALA A 299 -10.31 14.33 -13.23
CA ALA A 299 -11.07 15.54 -12.99
C ALA A 299 -12.45 15.42 -13.63
N THR A 300 -13.49 15.79 -12.88
CA THR A 300 -14.84 15.89 -13.41
C THR A 300 -15.24 17.33 -13.65
N ALA A 301 -14.30 18.27 -13.50
CA ALA A 301 -14.53 19.68 -13.73
C ALA A 301 -13.17 20.34 -13.90
N ASP A 302 -13.19 21.58 -14.38
CA ASP A 302 -11.96 22.37 -14.41
C ASP A 302 -11.57 22.74 -12.99
N ILE A 303 -10.28 22.55 -12.67
CA ILE A 303 -9.73 22.94 -11.38
C ILE A 303 -8.54 23.85 -11.63
N GLU A 304 -8.46 24.94 -10.87
CA GLU A 304 -7.33 25.85 -10.90
C GLU A 304 -6.43 25.59 -9.70
N VAL A 305 -5.14 25.37 -9.96
CA VAL A 305 -4.14 25.20 -8.92
C VAL A 305 -2.97 26.12 -9.28
N GLU A 306 -2.79 27.18 -8.51
CA GLU A 306 -1.67 28.10 -8.65
C GLU A 306 -1.43 28.45 -10.11
N GLY A 307 -2.46 28.97 -10.74
CA GLY A 307 -2.34 29.41 -12.11
C GLY A 307 -2.18 28.31 -13.14
N GLN A 308 -2.26 27.04 -12.75
CA GLN A 308 -2.32 25.96 -13.72
CA GLN A 308 -2.33 25.95 -13.71
C GLN A 308 -3.74 25.39 -13.74
N LEU A 309 -4.14 24.89 -14.90
CA LEU A 309 -5.52 24.52 -15.14
C LEU A 309 -5.64 23.05 -15.51
N ILE A 310 -6.25 22.27 -14.61
CA ILE A 310 -6.70 20.92 -14.93
C ILE A 310 -8.09 21.02 -15.55
N ARG A 311 -8.27 20.42 -16.72
CA ARG A 311 -9.55 20.45 -17.40
CA ARG A 311 -9.55 20.44 -17.42
C ARG A 311 -10.33 19.16 -17.14
N ALA A 312 -11.66 19.30 -17.09
CA ALA A 312 -12.56 18.17 -17.00
C ALA A 312 -12.13 17.09 -17.99
N GLY A 313 -11.89 15.89 -17.47
CA GLY A 313 -11.49 14.76 -18.29
C GLY A 313 -10.01 14.42 -18.22
N GLU A 314 -9.20 15.22 -17.56
CA GLU A 314 -7.78 14.93 -17.48
C GLU A 314 -7.48 14.03 -16.28
N GLY A 315 -6.44 13.22 -16.44
CA GLY A 315 -5.98 12.37 -15.36
C GLY A 315 -4.98 13.11 -14.48
N VAL A 316 -4.98 12.75 -13.20
CA VAL A 316 -4.11 13.36 -12.19
C VAL A 316 -3.64 12.24 -11.28
N ILE A 317 -2.32 12.11 -11.12
CA ILE A 317 -1.74 11.14 -10.19
C ILE A 317 -1.09 11.93 -9.07
N VAL A 318 -1.66 11.82 -7.86
CA VAL A 318 -1.02 12.36 -6.68
C VAL A 318 0.01 11.34 -6.20
N VAL A 319 1.29 11.66 -6.40
CA VAL A 319 2.39 10.77 -6.06
C VAL A 319 2.83 11.09 -4.65
N ASN A 320 2.37 10.30 -3.67
CA ASN A 320 2.65 10.67 -2.29
C ASN A 320 4.12 10.48 -1.91
N SER A 321 4.91 9.76 -2.71
CA SER A 321 6.33 9.69 -2.41
C SER A 321 7.04 11.01 -2.69
N ILE A 322 6.68 11.68 -3.80
CA ILE A 322 7.28 12.98 -4.09
C ILE A 322 6.83 14.02 -3.09
N ALA A 323 5.51 14.11 -2.85
CA ALA A 323 4.99 15.08 -1.90
C ALA A 323 5.54 14.87 -0.50
N ASN A 324 5.84 13.62 -0.12
CA ASN A 324 6.48 13.35 1.15
C ASN A 324 7.93 13.80 1.18
N ARG A 325 8.52 14.08 0.02
CA ARG A 325 9.86 14.64 -0.11
C ARG A 325 9.81 16.12 -0.45
N ASP A 326 8.89 16.85 0.17
CA ASP A 326 8.73 18.29 -0.06
C ASP A 326 9.53 19.03 1.00
N GLY A 327 10.70 19.53 0.59
CA GLY A 327 11.60 20.23 1.49
C GLY A 327 11.02 21.41 2.26
N THR A 328 9.86 21.91 1.88
CA THR A 328 9.26 23.02 2.62
C THR A 328 8.36 22.55 3.75
N VAL A 329 8.18 21.24 3.92
CA VAL A 329 7.51 20.69 5.10
C VAL A 329 8.47 19.88 5.96
N TYR A 330 9.34 19.10 5.33
CA TYR A 330 10.29 18.22 6.03
C TYR A 330 11.69 18.71 5.73
N GLU A 331 12.32 19.35 6.72
CA GLU A 331 13.70 19.78 6.60
C GLU A 331 14.58 18.63 6.14
N ASP A 332 15.36 18.88 5.08
CA ASP A 332 16.19 17.86 4.42
C ASP A 332 15.34 16.61 4.17
N PRO A 333 14.44 16.64 3.19
CA PRO A 333 13.44 15.58 3.07
C PRO A 333 14.01 14.22 2.68
N ASP A 334 15.10 14.18 1.91
CA ASP A 334 15.68 12.91 1.50
C ASP A 334 16.52 12.26 2.60
N ALA A 335 16.58 12.86 3.78
CA ALA A 335 17.33 12.32 4.91
C ALA A 335 16.38 11.57 5.84
N LEU A 336 16.66 10.28 6.05
CA LEU A 336 15.92 9.52 7.06
C LEU A 336 16.32 10.02 8.44
N ASP A 337 15.33 10.47 9.22
CA ASP A 337 15.56 10.98 10.56
C ASP A 337 14.41 10.48 11.43
N ILE A 338 14.66 9.42 12.21
CA ILE A 338 13.65 8.87 13.10
C ILE A 338 13.26 9.82 14.22
N HIS A 339 14.04 10.88 14.44
CA HIS A 339 13.67 11.89 15.44
C HIS A 339 12.79 12.99 14.87
N ARG A 340 12.75 13.17 13.56
CA ARG A 340 12.00 14.27 12.99
C ARG A 340 10.52 14.11 13.29
N SER A 341 9.80 15.23 13.25
CA SER A 341 8.35 15.19 13.25
C SER A 341 7.89 14.90 11.83
N ALA A 342 7.36 13.71 11.60
CA ALA A 342 6.89 13.29 10.29
C ALA A 342 5.39 13.52 10.13
N ARG A 343 4.80 14.35 11.00
CA ARG A 343 3.38 14.68 10.97
C ARG A 343 2.96 15.14 9.57
N HIS A 344 1.69 14.87 9.24
CA HIS A 344 1.00 15.34 8.04
C HIS A 344 1.49 14.67 6.75
N HIS A 345 2.23 13.57 6.85
CA HIS A 345 2.69 12.90 5.64
C HIS A 345 1.51 12.26 4.91
N LEU A 346 1.75 11.87 3.66
CA LEU A 346 0.68 11.45 2.77
C LEU A 346 0.79 10.00 2.35
N ALA A 347 1.62 9.20 3.03
CA ALA A 347 1.77 7.78 2.67
C ALA A 347 0.47 7.00 2.79
N PHE A 348 -0.48 7.48 3.58
CA PHE A 348 -1.80 6.86 3.70
C PHE A 348 -2.88 7.62 2.94
N GLY A 349 -2.51 8.68 2.23
CA GLY A 349 -3.51 9.50 1.59
C GLY A 349 -4.07 10.56 2.54
N PHE A 350 -5.18 11.14 2.10
CA PHE A 350 -5.83 12.23 2.81
C PHE A 350 -7.27 12.30 2.33
N GLY A 351 -8.14 12.81 3.19
CA GLY A 351 -9.52 12.98 2.79
C GLY A 351 -10.31 11.70 2.97
N VAL A 352 -11.39 11.59 2.18
CA VAL A 352 -12.36 10.53 2.44
C VAL A 352 -11.80 9.15 2.10
N HIS A 353 -10.81 9.05 1.22
CA HIS A 353 -10.19 7.77 0.90
C HIS A 353 -8.96 7.49 1.73
N GLN A 354 -8.74 8.22 2.83
CA GLN A 354 -7.57 7.97 3.63
C GLN A 354 -7.58 6.53 4.13
N CYS A 355 -6.39 5.92 4.13
CA CYS A 355 -6.24 4.47 4.29
C CYS A 355 -7.00 3.95 5.51
N LEU A 356 -7.95 3.04 5.23
CA LEU A 356 -8.75 2.46 6.30
C LEU A 356 -7.90 1.70 7.30
N GLY A 357 -6.80 1.07 6.86
CA GLY A 357 -6.05 0.20 7.73
C GLY A 357 -4.78 0.79 8.33
N GLN A 358 -4.70 2.12 8.42
CA GLN A 358 -3.44 2.75 8.78
C GLN A 358 -3.02 2.42 10.21
N ASN A 359 -3.96 2.38 11.15
CA ASN A 359 -3.59 2.12 12.54
C ASN A 359 -3.35 0.64 12.79
N LEU A 360 -3.98 -0.24 12.01
CA LEU A 360 -3.56 -1.64 11.99
C LEU A 360 -2.15 -1.76 11.43
N ALA A 361 -1.84 -0.99 10.39
CA ALA A 361 -0.51 -1.04 9.80
C ALA A 361 0.54 -0.47 10.75
N ARG A 362 0.20 0.61 11.44
CA ARG A 362 1.11 1.14 12.46
C ARG A 362 1.32 0.13 13.58
N LEU A 363 0.25 -0.54 14.03
CA LEU A 363 0.39 -1.52 15.09
C LEU A 363 1.31 -2.67 14.66
N GLU A 364 1.09 -3.20 13.45
CA GLU A 364 1.90 -4.33 12.99
C GLU A 364 3.38 -3.96 12.94
N LEU A 365 3.72 -2.83 12.30
CA LEU A 365 5.12 -2.44 12.16
C LEU A 365 5.77 -2.23 13.51
N GLU A 366 5.05 -1.62 14.45
CA GLU A 366 5.59 -1.30 15.77
C GLU A 366 5.79 -2.56 16.62
N VAL A 367 4.93 -3.56 16.45
CA VAL A 367 5.17 -4.87 17.09
C VAL A 367 6.31 -5.59 16.40
N ILE A 368 6.28 -5.64 15.07
CA ILE A 368 7.25 -6.42 14.30
C ILE A 368 8.66 -5.93 14.58
N LEU A 369 8.85 -4.61 14.63
CA LEU A 369 10.18 -4.05 14.81
C LEU A 369 10.73 -4.39 16.19
N ASN A 370 9.99 -4.03 17.25
CA ASN A 370 10.34 -4.43 18.61
C ASN A 370 10.72 -5.90 18.67
N ALA A 371 9.90 -6.74 18.03
CA ALA A 371 10.15 -8.18 18.07
C ALA A 371 11.45 -8.55 17.36
N LEU A 372 11.77 -7.88 16.25
CA LEU A 372 13.02 -8.16 15.55
C LEU A 372 14.23 -7.66 16.34
N MET A 373 14.04 -6.66 17.19
CA MET A 373 15.13 -6.10 17.98
C MET A 373 15.33 -6.85 19.29
N ASP A 374 14.29 -7.49 19.80
CA ASP A 374 14.45 -8.36 20.95
C ASP A 374 15.17 -9.64 20.56
N ARG A 375 14.71 -10.29 19.50
CA ARG A 375 15.01 -11.69 19.28
C ARG A 375 16.05 -11.95 18.20
N VAL A 376 16.18 -11.07 17.21
CA VAL A 376 17.29 -11.18 16.27
C VAL A 376 18.09 -9.89 16.26
N PRO A 377 18.57 -9.39 17.40
CA PRO A 377 19.32 -8.12 17.39
C PRO A 377 20.56 -8.17 16.50
N THR A 378 20.99 -9.35 16.06
CA THR A 378 22.13 -9.49 15.17
C THR A 378 21.70 -9.72 13.72
N LEU A 379 20.42 -9.58 13.42
CA LEU A 379 19.94 -9.69 12.05
C LEU A 379 20.72 -8.77 11.12
N ARG A 380 21.08 -9.29 9.96
CA ARG A 380 21.71 -8.53 8.91
C ARG A 380 21.44 -9.25 7.59
N LEU A 381 21.70 -8.56 6.49
CA LEU A 381 21.35 -9.11 5.19
C LEU A 381 22.43 -10.09 4.72
N ALA A 382 22.01 -11.08 3.94
CA ALA A 382 22.88 -12.15 3.46
C ALA A 382 23.31 -11.95 2.00
N VAL A 383 22.94 -10.84 1.40
CA VAL A 383 23.53 -10.34 0.17
C VAL A 383 23.71 -8.83 0.31
N PRO A 384 24.58 -8.22 -0.50
CA PRO A 384 24.69 -6.77 -0.47
C PRO A 384 23.46 -6.14 -1.12
N VAL A 385 23.11 -4.95 -0.65
CA VAL A 385 21.82 -4.36 -1.03
C VAL A 385 21.72 -4.16 -2.54
N GLU A 386 22.86 -3.98 -3.20
CA GLU A 386 22.98 -3.78 -4.64
C GLU A 386 22.55 -4.98 -5.47
N GLN A 387 22.26 -6.12 -4.84
CA GLN A 387 21.90 -7.35 -5.56
C GLN A 387 20.43 -7.70 -5.45
N LEU A 388 19.67 -7.00 -4.62
CA LEU A 388 18.25 -7.29 -4.48
C LEU A 388 17.50 -6.80 -5.71
N VAL A 389 16.51 -7.57 -6.14
CA VAL A 389 15.68 -7.23 -7.30
C VAL A 389 14.48 -6.43 -6.80
N LEU A 390 14.36 -5.20 -7.28
CA LEU A 390 13.29 -4.31 -6.84
C LEU A 390 12.07 -4.48 -7.75
N ARG A 391 10.88 -4.34 -7.16
CA ARG A 391 9.68 -4.34 -7.97
C ARG A 391 9.63 -3.05 -8.79
N PRO A 392 9.00 -3.06 -9.96
CA PRO A 392 8.95 -1.84 -10.77
C PRO A 392 7.86 -0.89 -10.28
N GLY A 393 7.99 0.36 -10.72
CA GLY A 393 7.15 1.45 -10.26
C GLY A 393 5.68 1.36 -10.60
N THR A 394 5.26 0.29 -11.28
CA THR A 394 3.86 0.12 -11.67
C THR A 394 3.04 -0.66 -10.64
N THR A 395 3.66 -1.09 -9.54
CA THR A 395 2.98 -1.85 -8.49
C THR A 395 3.52 -1.39 -7.14
N ILE A 396 3.07 -1.97 -6.08
CA ILE A 396 3.53 -1.54 -4.74
C ILE A 396 5.04 -1.78 -4.60
N GLN A 397 5.72 -0.87 -3.99
CA GLN A 397 7.15 -0.92 -3.79
C GLN A 397 7.53 -2.10 -2.91
N GLY A 398 8.58 -2.80 -3.30
CA GLY A 398 9.17 -3.77 -2.43
C GLY A 398 10.10 -4.69 -3.17
N VAL A 399 10.80 -5.49 -2.39
CA VAL A 399 11.58 -6.61 -2.88
C VAL A 399 10.66 -7.82 -3.00
N ASN A 400 11.05 -8.77 -3.84
CA ASN A 400 10.33 -10.03 -3.86
C ASN A 400 11.03 -11.12 -3.06
N GLU A 401 12.32 -10.94 -2.76
CA GLU A 401 13.12 -11.88 -1.99
C GLU A 401 14.04 -11.09 -1.09
N LEU A 402 14.32 -11.63 0.10
CA LEU A 402 15.24 -10.98 1.03
C LEU A 402 15.95 -12.03 1.89
N PRO A 403 17.08 -12.57 1.42
CA PRO A 403 17.93 -13.41 2.29
C PRO A 403 18.65 -12.63 3.38
N VAL A 404 18.57 -13.15 4.61
CA VAL A 404 19.13 -12.50 5.80
C VAL A 404 19.76 -13.58 6.69
N THR A 405 20.57 -13.14 7.66
CA THR A 405 21.27 -14.06 8.55
C THR A 405 21.50 -13.40 9.90
N TRP A 406 21.91 -14.22 10.87
CA TRP A 406 22.10 -13.79 12.24
C TRP A 406 22.99 -14.79 12.96
N HIS A 407 23.22 -14.50 14.25
CA HIS A 407 24.03 -15.31 15.14
C HIS A 407 23.22 -16.52 15.61
N HIS A 408 23.59 -17.72 15.13
CA HIS A 408 22.86 -18.94 15.44
C HIS A 408 23.19 -19.41 16.85
N HIS A 409 22.19 -19.98 17.54
CA HIS A 409 22.29 -20.29 18.97
C HIS A 409 23.59 -21.01 19.36
#